data_8OT2
#
_entry.id   8OT2
#
_cell.length_a   72.544
_cell.length_b   96.390
_cell.length_c   86.631
_cell.angle_alpha   90.000
_cell.angle_beta   90.000
_cell.angle_gamma   90.000
#
_symmetry.space_group_name_H-M   'C 2 2 21'
#
loop_
_entity.id
_entity.type
_entity.pdbx_description
1 polymer GdmF
2 non-polymer 1,2-ETHANEDIOL
3 non-polymer 'ACETATE ION'
4 non-polymer 3-azanyl-5-methyl-phenol
5 non-polymer 'SULFATE ION'
6 non-polymer DI(HYDROXYETHYL)ETHER
7 water water
#
_entity_poly.entity_id   1
_entity_poly.type   'polypeptide(L)'
_entity_poly.pdbx_seq_one_letter_code
;HHHHSHMFDVAKYLRRIGVEGTPPPTLDTLRHLHKRHLMAVPYDNSTAPDRLPASRHLTNVPLDLVFGHVVTEGHGGV
(CSO)YELNRLFHTLLAELGYDVRMVAAAVRQANGTFGPEREHTFDLVHLDGRTHLVDVGFPGPSYSEPLYLSEEEQHQY
G(CSO)SYRVTEHDGYRVVERRPKGSDWQPVYRFRPELADPSGWDAVRLDSLDDYAQDSVLAGTTFRSRATDNGKIVLIG
RRYFTVEDGVERTKVLVKADEFQDVVDLILAGA
;
_entity_poly.pdbx_strand_id   A
#
# COMPACT_ATOMS: atom_id res chain seq x y z
N HIS A 6 1.35 -9.58 -19.89
CA HIS A 6 0.82 -10.94 -19.80
C HIS A 6 -0.54 -10.99 -19.11
N MET A 7 -1.22 -12.11 -19.30
CA MET A 7 -2.51 -12.34 -18.67
C MET A 7 -2.31 -12.61 -17.17
N PHE A 8 -3.27 -12.14 -16.39
CA PHE A 8 -3.21 -12.28 -14.94
C PHE A 8 -3.06 -13.76 -14.57
N ASP A 9 -2.08 -14.05 -13.72
CA ASP A 9 -1.81 -15.40 -13.27
C ASP A 9 -1.36 -15.35 -11.81
N VAL A 10 -2.16 -15.99 -10.95
CA VAL A 10 -1.91 -15.99 -9.50
C VAL A 10 -0.54 -16.58 -9.18
N ALA A 11 -0.17 -17.67 -9.87
CA ALA A 11 1.10 -18.30 -9.53
C ALA A 11 2.28 -17.41 -9.88
N LYS A 12 2.21 -16.75 -11.03
CA LYS A 12 3.25 -15.83 -11.42
C LYS A 12 3.35 -14.68 -10.43
N TYR A 13 2.20 -14.16 -10.01
CA TYR A 13 2.16 -13.06 -9.05
C TYR A 13 2.78 -13.46 -7.71
N LEU A 14 2.42 -14.63 -7.18
CA LEU A 14 3.01 -15.07 -5.92
C LEU A 14 4.53 -15.22 -6.04
N ARG A 15 4.99 -15.76 -7.15
CA ARG A 15 6.43 -15.86 -7.37
C ARG A 15 7.08 -14.49 -7.42
N ARG A 16 6.44 -13.54 -8.09
CA ARG A 16 6.96 -12.19 -8.20
C ARG A 16 7.12 -11.52 -6.84
N ILE A 17 6.28 -11.85 -5.87
CA ILE A 17 6.39 -11.23 -4.55
C ILE A 17 7.09 -12.14 -3.54
N GLY A 18 7.61 -13.27 -3.99
CA GLY A 18 8.39 -14.12 -3.11
C GLY A 18 7.63 -15.01 -2.17
N VAL A 19 6.41 -15.42 -2.54
CA VAL A 19 5.57 -16.29 -1.72
C VAL A 19 5.56 -17.67 -2.36
N GLU A 20 5.84 -18.69 -1.59
CA GLU A 20 5.89 -20.06 -2.11
C GLU A 20 4.53 -20.72 -2.01
N GLY A 21 4.17 -21.47 -3.06
CA GLY A 21 2.93 -22.19 -3.01
C GLY A 21 1.72 -21.27 -3.02
N THR A 22 0.63 -21.83 -2.52
CA THR A 22 -0.68 -21.18 -2.50
C THR A 22 -1.21 -21.28 -1.09
N PRO A 23 -0.69 -20.48 -0.17
CA PRO A 23 -1.03 -20.68 1.24
C PRO A 23 -2.51 -20.44 1.48
N PRO A 24 -3.07 -21.05 2.51
CA PRO A 24 -4.51 -21.06 2.71
C PRO A 24 -5.02 -19.69 3.14
N PRO A 25 -6.33 -19.48 3.03
CA PRO A 25 -6.97 -18.15 3.19
C PRO A 25 -7.22 -17.81 4.65
N THR A 26 -6.13 -17.57 5.35
CA THR A 26 -6.12 -17.31 6.79
C THR A 26 -5.56 -15.93 7.08
N LEU A 27 -5.67 -15.50 8.33
CA LEU A 27 -5.12 -14.19 8.67
C LEU A 27 -3.60 -14.18 8.59
N ASP A 28 -2.95 -15.29 9.01
CA ASP A 28 -1.50 -15.34 8.92
C ASP A 28 -1.05 -15.23 7.45
N THR A 29 -1.76 -15.89 6.54
CA THR A 29 -1.42 -15.78 5.13
C THR A 29 -1.62 -14.33 4.67
N LEU A 30 -2.72 -13.69 5.07
CA LEU A 30 -2.99 -12.33 4.63
C LEU A 30 -1.87 -11.39 5.07
N ARG A 31 -1.41 -11.52 6.32
CA ARG A 31 -0.34 -10.66 6.82
C ARG A 31 0.93 -10.87 5.99
N HIS A 32 1.25 -12.12 5.67
CA HIS A 32 2.45 -12.43 4.93
C HIS A 32 2.37 -11.90 3.51
N LEU A 33 1.23 -12.11 2.85
CA LEU A 33 1.06 -11.58 1.51
C LEU A 33 1.21 -10.06 1.46
N HIS A 34 0.61 -9.38 2.42
CA HIS A 34 0.61 -7.92 2.49
C HIS A 34 2.03 -7.40 2.67
N LYS A 35 2.77 -8.00 3.61
CA LYS A 35 4.13 -7.52 3.86
CA LYS A 35 4.13 -7.53 3.87
C LYS A 35 5.06 -7.88 2.71
N ARG A 36 4.94 -9.09 2.16
CA ARG A 36 5.80 -9.45 1.00
C ARG A 36 5.53 -8.53 -0.19
N HIS A 37 4.25 -8.21 -0.44
CA HIS A 37 3.94 -7.35 -1.57
C HIS A 37 4.61 -5.98 -1.41
N LEU A 38 4.54 -5.41 -0.21
CA LEU A 38 5.14 -4.10 0.00
C LEU A 38 6.65 -4.15 -0.06
N MET A 39 7.25 -5.26 0.26
CA MET A 39 8.68 -5.36 0.18
C MET A 39 9.16 -5.62 -1.25
N ALA A 40 8.35 -6.30 -2.05
CA ALA A 40 8.77 -6.70 -3.39
C ALA A 40 8.34 -5.75 -4.49
N VAL A 41 7.24 -5.04 -4.31
CA VAL A 41 6.64 -4.22 -5.33
C VAL A 41 6.66 -2.77 -4.87
N PRO A 42 7.56 -1.96 -5.40
CA PRO A 42 7.67 -0.57 -4.92
C PRO A 42 6.54 0.30 -5.42
N TYR A 43 6.20 1.29 -4.61
CA TYR A 43 5.42 2.41 -5.11
C TYR A 43 6.32 3.26 -6.00
N ASP A 44 5.82 3.63 -7.19
CA ASP A 44 6.59 4.42 -8.13
C ASP A 44 5.63 5.13 -9.06
N ASN A 45 5.49 6.45 -8.94
CA ASN A 45 4.61 7.19 -9.86
C ASN A 45 5.35 7.74 -11.08
N SER A 46 6.58 7.30 -11.31
CA SER A 46 7.46 7.89 -12.33
CA SER A 46 7.40 8.00 -12.30
C SER A 46 6.82 7.87 -13.71
N THR A 47 6.19 6.75 -14.06
CA THR A 47 5.60 6.60 -15.38
C THR A 47 4.10 6.37 -15.31
N ALA A 48 3.48 6.77 -14.20
CA ALA A 48 2.04 6.65 -14.08
C ALA A 48 1.29 7.31 -15.22
N PRO A 49 1.72 8.47 -15.75
CA PRO A 49 0.95 9.11 -16.84
C PRO A 49 0.82 8.24 -18.08
N ASP A 50 1.84 7.45 -18.41
CA ASP A 50 1.80 6.65 -19.63
C ASP A 50 0.87 5.46 -19.55
N ARG A 51 0.16 5.27 -18.43
CA ARG A 51 -0.73 4.13 -18.28
C ARG A 51 -2.17 4.53 -17.95
N LEU A 52 -2.52 5.79 -18.12
CA LEU A 52 -3.90 6.15 -17.86
C LEU A 52 -4.68 6.31 -19.17
N LEU A 58 -11.11 3.90 -15.11
CA LEU A 58 -10.06 2.98 -14.73
C LEU A 58 -10.30 1.61 -15.34
N THR A 59 -11.57 1.18 -15.40
CA THR A 59 -11.92 -0.06 -16.09
C THR A 59 -11.47 -0.06 -17.54
N ASN A 60 -11.20 1.11 -18.12
CA ASN A 60 -10.70 1.19 -19.49
C ASN A 60 -9.22 0.85 -19.60
N VAL A 61 -8.51 0.70 -18.50
CA VAL A 61 -7.15 0.13 -18.53
C VAL A 61 -7.26 -1.33 -18.22
N PRO A 62 -7.05 -2.23 -19.19
CA PRO A 62 -7.20 -3.66 -18.93
C PRO A 62 -6.27 -4.09 -17.79
N LEU A 63 -6.80 -4.98 -16.95
CA LEU A 63 -5.98 -5.48 -15.84
C LEU A 63 -4.72 -6.13 -16.35
N ASP A 64 -4.76 -6.73 -17.55
CA ASP A 64 -3.56 -7.37 -18.07
C ASP A 64 -2.44 -6.37 -18.35
N LEU A 65 -2.76 -5.15 -18.73
CA LEU A 65 -1.73 -4.14 -18.95
C LEU A 65 -1.00 -3.80 -17.63
N VAL A 66 -1.76 -3.63 -16.57
CA VAL A 66 -1.15 -3.34 -15.26
C VAL A 66 -0.36 -4.53 -14.73
N PHE A 67 -0.95 -5.73 -14.86
CA PHE A 67 -0.24 -6.94 -14.50
C PHE A 67 1.06 -7.07 -15.27
N GLY A 68 1.02 -6.77 -16.57
CA GLY A 68 2.22 -6.88 -17.37
C GLY A 68 3.31 -5.94 -16.91
N HIS A 69 2.92 -4.73 -16.56
CA HIS A 69 3.85 -3.74 -16.12
C HIS A 69 4.44 -4.05 -14.75
N VAL A 70 3.57 -4.40 -13.82
CA VAL A 70 4.00 -4.61 -12.43
C VAL A 70 4.56 -6.01 -12.23
N VAL A 71 3.85 -7.04 -12.68
CA VAL A 71 4.28 -8.40 -12.37
C VAL A 71 5.24 -8.93 -13.42
N THR A 72 4.80 -8.98 -14.69
CA THR A 72 5.65 -9.61 -15.70
C THR A 72 6.95 -8.85 -15.89
N GLU A 73 6.90 -7.52 -15.98
CA GLU A 73 8.11 -6.73 -16.20
C GLU A 73 8.78 -6.26 -14.90
N GLY A 74 8.13 -6.39 -13.76
CA GLY A 74 8.81 -6.17 -12.51
C GLY A 74 8.96 -4.72 -12.08
N HIS A 75 8.09 -3.83 -12.54
CA HIS A 75 8.12 -2.44 -12.11
C HIS A 75 7.19 -2.21 -10.93
N GLY A 76 7.25 -1.00 -10.38
CA GLY A 76 6.29 -0.56 -9.38
C GLY A 76 5.12 0.16 -10.00
N GLY A 77 4.27 0.71 -9.14
CA GLY A 77 3.10 1.40 -9.63
C GLY A 77 2.49 2.26 -8.55
N VAL A 78 1.30 2.76 -8.82
CA VAL A 78 0.61 3.67 -7.91
C VAL A 78 -0.58 3.03 -7.27
N TYR A 80 -3.89 2.94 -7.54
CA TYR A 80 -4.99 2.30 -8.26
C TYR A 80 -4.48 1.22 -9.25
N GLU A 81 -3.18 0.97 -9.22
CA GLU A 81 -2.54 -0.15 -9.89
C GLU A 81 -2.23 -1.25 -8.88
N LEU A 82 -1.48 -0.93 -7.85
CA LEU A 82 -1.05 -1.96 -6.90
C LEU A 82 -2.23 -2.52 -6.12
N ASN A 83 -3.12 -1.65 -5.61
CA ASN A 83 -4.22 -2.18 -4.83
C ASN A 83 -5.27 -2.86 -5.70
N ARG A 84 -5.35 -2.49 -6.97
CA ARG A 84 -6.24 -3.18 -7.88
C ARG A 84 -5.76 -4.60 -8.19
N LEU A 85 -4.46 -4.74 -8.47
CA LEU A 85 -3.89 -6.06 -8.64
C LEU A 85 -4.01 -6.89 -7.37
N PHE A 86 -3.73 -6.30 -6.21
CA PHE A 86 -3.75 -7.09 -4.99
C PHE A 86 -5.16 -7.53 -4.63
N HIS A 87 -6.14 -6.65 -4.90
CA HIS A 87 -7.55 -7.04 -4.77
C HIS A 87 -7.86 -8.31 -5.53
N THR A 88 -7.45 -8.35 -6.80
CA THR A 88 -7.68 -9.51 -7.65
C THR A 88 -6.96 -10.74 -7.11
N LEU A 89 -5.71 -10.58 -6.67
CA LEU A 89 -5.00 -11.71 -6.10
C LEU A 89 -5.72 -12.26 -4.88
N LEU A 90 -6.14 -11.38 -3.97
CA LEU A 90 -6.78 -11.84 -2.75
C LEU A 90 -8.11 -12.52 -3.04
N ALA A 91 -8.86 -11.99 -4.01
CA ALA A 91 -10.12 -12.62 -4.42
C ALA A 91 -9.89 -14.02 -4.98
N GLU A 92 -8.88 -14.17 -5.82
CA GLU A 92 -8.54 -15.48 -6.39
C GLU A 92 -8.05 -16.45 -5.33
N LEU A 93 -7.48 -15.93 -4.24
CA LEU A 93 -7.02 -16.77 -3.13
C LEU A 93 -8.11 -17.08 -2.13
N GLY A 94 -9.34 -16.59 -2.34
CA GLY A 94 -10.46 -16.98 -1.53
C GLY A 94 -10.96 -15.97 -0.52
N TYR A 95 -10.42 -14.76 -0.49
CA TYR A 95 -10.80 -13.80 0.52
C TYR A 95 -11.99 -12.96 0.08
N ASP A 96 -12.77 -12.51 1.06
CA ASP A 96 -13.84 -11.54 0.86
C ASP A 96 -13.24 -10.14 0.87
N VAL A 97 -12.97 -9.60 -0.31
CA VAL A 97 -12.22 -8.36 -0.44
CA VAL A 97 -12.21 -8.37 -0.48
C VAL A 97 -13.10 -7.32 -1.11
N ARG A 98 -13.00 -6.11 -0.57
CA ARG A 98 -13.81 -5.00 -0.92
C ARG A 98 -12.96 -3.74 -1.18
N MET A 99 -13.25 -2.98 -2.22
CA MET A 99 -12.53 -1.80 -2.57
C MET A 99 -13.16 -0.59 -1.90
N VAL A 100 -12.36 0.33 -1.42
CA VAL A 100 -12.85 1.56 -0.79
C VAL A 100 -11.91 2.69 -1.17
N ALA A 101 -12.46 3.91 -1.22
CA ALA A 101 -11.66 5.08 -1.56
C ALA A 101 -11.46 5.95 -0.31
N ALA A 102 -10.36 6.69 -0.31
CA ALA A 102 -10.00 7.47 0.85
C ALA A 102 -9.52 8.86 0.43
N ALA A 103 -9.61 9.79 1.39
CA ALA A 103 -9.05 11.14 1.25
C ALA A 103 -7.76 11.22 2.05
N VAL A 104 -6.72 11.74 1.43
CA VAL A 104 -5.40 11.70 2.06
C VAL A 104 -5.11 12.99 2.81
N ARG A 105 -4.56 12.84 4.02
CA ARG A 105 -4.05 13.98 4.79
C ARG A 105 -2.90 14.60 4.01
N GLN A 106 -3.07 15.81 3.48
CA GLN A 106 -2.16 16.30 2.46
C GLN A 106 -1.03 17.18 3.00
N GLY A 109 -1.92 19.62 6.46
CA GLY A 109 -2.94 19.39 7.46
C GLY A 109 -4.40 19.28 7.04
N THR A 110 -4.67 19.18 5.77
CA THR A 110 -6.06 19.03 5.34
C THR A 110 -6.19 17.73 4.56
N PHE A 111 -7.39 17.19 4.47
CA PHE A 111 -7.61 16.02 3.64
C PHE A 111 -7.96 16.45 2.23
N GLY A 112 -7.37 15.79 1.24
CA GLY A 112 -7.56 16.15 -0.14
C GLY A 112 -8.86 15.66 -0.74
N PRO A 113 -8.90 15.56 -2.07
CA PRO A 113 -10.09 15.02 -2.74
C PRO A 113 -10.53 13.69 -2.12
N GLU A 114 -11.84 13.47 -2.07
CA GLU A 114 -12.41 12.44 -1.22
C GLU A 114 -12.22 11.02 -1.76
N ARG A 115 -11.83 10.85 -3.02
CA ARG A 115 -11.60 9.52 -3.56
C ARG A 115 -10.20 9.40 -4.16
N GLU A 116 -9.27 10.21 -3.65
CA GLU A 116 -7.92 10.26 -4.20
C GLU A 116 -7.21 8.92 -4.06
N HIS A 117 -7.34 8.28 -2.91
CA HIS A 117 -6.57 7.06 -2.61
C HIS A 117 -7.50 5.85 -2.59
N THR A 118 -7.09 4.77 -3.26
CA THR A 118 -7.91 3.58 -3.37
C THR A 118 -7.19 2.45 -2.66
N PHE A 119 -7.89 1.74 -1.78
CA PHE A 119 -7.33 0.59 -1.07
C PHE A 119 -8.44 -0.43 -0.83
N ASP A 120 -8.18 -1.43 -0.01
CA ASP A 120 -9.08 -2.56 0.10
C ASP A 120 -9.39 -2.84 1.55
N LEU A 121 -10.55 -3.47 1.77
CA LEU A 121 -10.90 -4.09 3.06
C LEU A 121 -11.08 -5.58 2.82
N VAL A 122 -10.69 -6.38 3.82
CA VAL A 122 -10.94 -7.82 3.79
C VAL A 122 -11.74 -8.20 5.02
N HIS A 123 -12.80 -8.94 4.82
CA HIS A 123 -13.57 -9.46 5.94
C HIS A 123 -13.29 -10.93 6.10
N LEU A 124 -12.82 -11.32 7.28
CA LEU A 124 -12.30 -12.66 7.52
C LEU A 124 -12.67 -13.08 8.92
N ASP A 125 -13.51 -14.11 9.02
CA ASP A 125 -13.81 -14.75 10.30
C ASP A 125 -14.40 -13.75 11.29
N GLY A 126 -15.31 -12.92 10.79
CA GLY A 126 -16.01 -11.98 11.62
C GLY A 126 -15.26 -10.71 11.95
N ARG A 127 -14.08 -10.50 11.36
CA ARG A 127 -13.31 -9.27 11.57
C ARG A 127 -12.97 -8.63 10.22
N THR A 128 -12.88 -7.32 10.21
CA THR A 128 -12.52 -6.57 9.02
C THR A 128 -11.10 -6.01 9.17
N HIS A 129 -10.29 -6.21 8.13
CA HIS A 129 -8.92 -5.74 8.05
C HIS A 129 -8.74 -4.76 6.92
N LEU A 130 -7.95 -3.74 7.18
CA LEU A 130 -7.54 -2.83 6.14
C LEU A 130 -6.32 -3.40 5.41
N VAL A 131 -6.35 -3.32 4.08
CA VAL A 131 -5.30 -3.84 3.20
C VAL A 131 -4.89 -2.73 2.25
N ASP A 132 -3.63 -2.38 2.25
CA ASP A 132 -3.13 -1.27 1.43
C ASP A 132 -1.66 -1.52 1.09
N VAL A 133 -1.40 -1.96 -0.14
CA VAL A 133 -0.04 -2.17 -0.60
C VAL A 133 0.35 -1.09 -1.62
N GLY A 134 -0.40 0.03 -1.61
CA GLY A 134 -0.23 1.04 -2.62
C GLY A 134 -0.24 2.47 -2.10
N PHE A 135 0.29 2.69 -0.92
CA PHE A 135 0.37 4.03 -0.36
C PHE A 135 1.83 4.42 -0.29
N PRO A 136 2.23 5.61 -0.75
CA PRO A 136 3.66 5.90 -0.89
C PRO A 136 4.37 6.20 0.42
N GLY A 137 3.69 6.87 1.32
CA GLY A 137 4.35 7.31 2.53
C GLY A 137 4.42 6.24 3.58
N PRO A 138 4.94 6.62 4.74
CA PRO A 138 4.97 5.71 5.89
C PRO A 138 3.56 5.32 6.28
N SER A 139 3.29 4.02 6.23
CA SER A 139 1.99 3.51 6.65
C SER A 139 2.18 2.03 6.98
N TYR A 140 1.08 1.32 7.22
CA TYR A 140 1.17 -0.02 7.82
C TYR A 140 1.67 -1.06 6.83
N SER A 141 2.61 -1.90 7.26
N SER A 141 2.61 -1.88 7.29
CA SER A 141 3.14 -2.94 6.39
CA SER A 141 3.20 -2.96 6.49
C SER A 141 2.44 -4.29 6.57
C SER A 141 2.39 -4.25 6.54
N GLU A 142 1.64 -4.47 7.63
CA GLU A 142 0.73 -5.58 7.81
C GLU A 142 -0.69 -5.05 7.96
N PRO A 143 -1.71 -5.81 7.59
CA PRO A 143 -3.09 -5.29 7.66
C PRO A 143 -3.47 -4.83 9.06
N LEU A 144 -4.27 -3.78 9.11
CA LEU A 144 -4.83 -3.26 10.36
C LEU A 144 -6.23 -3.80 10.60
N TYR A 145 -6.56 -4.04 11.86
CA TYR A 145 -7.96 -4.28 12.21
C TYR A 145 -8.71 -2.98 12.09
N LEU A 146 -9.94 -3.03 11.56
CA LEU A 146 -10.79 -1.85 11.53
C LEU A 146 -11.30 -1.62 12.94
N SER A 147 -10.51 -0.92 13.73
CA SER A 147 -10.79 -0.80 15.16
C SER A 147 -10.06 0.42 15.68
N GLU A 148 -10.68 1.12 16.64
CA GLU A 148 -10.04 2.22 17.35
C GLU A 148 -8.96 1.73 18.31
N GLU A 149 -8.96 0.44 18.64
CA GLU A 149 -7.96 -0.08 19.55
C GLU A 149 -6.58 0.08 18.96
N GLU A 150 -5.62 0.36 19.82
CA GLU A 150 -4.25 0.58 19.36
C GLU A 150 -3.59 -0.73 18.97
N GLN A 151 -2.87 -0.69 17.86
CA GLN A 151 -2.21 -1.83 17.24
C GLN A 151 -0.77 -1.45 16.99
N HIS A 152 0.13 -2.43 17.06
CA HIS A 152 1.55 -2.15 17.03
C HIS A 152 2.23 -3.02 16.00
N GLN A 153 3.03 -2.38 15.14
CA GLN A 153 3.76 -3.06 14.08
C GLN A 153 5.15 -2.50 14.03
N TYR A 154 6.15 -3.34 14.31
CA TYR A 154 7.56 -2.94 14.24
C TYR A 154 7.86 -1.62 14.96
N GLY A 155 7.27 -1.43 16.12
CA GLY A 155 7.55 -0.23 16.90
C GLY A 155 6.73 0.99 16.55
N SER A 157 2.87 2.62 16.17
CA SER A 157 1.51 2.40 16.65
C SER A 157 0.50 2.87 15.56
N TYR A 158 -0.64 2.17 15.49
CA TYR A 158 -1.70 2.45 14.53
C TYR A 158 -3.04 2.34 15.24
N ARG A 159 -4.01 3.12 14.76
CA ARG A 159 -5.40 2.93 15.21
C ARG A 159 -6.28 3.51 14.11
N VAL A 160 -7.54 3.09 14.09
CA VAL A 160 -8.51 3.55 13.11
C VAL A 160 -9.65 4.20 13.91
N THR A 161 -9.58 5.50 14.07
CA THR A 161 -10.51 6.20 14.94
C THR A 161 -11.77 6.55 14.15
N GLU A 162 -12.82 6.98 14.86
CA GLU A 162 -14.03 7.47 14.20
C GLU A 162 -14.18 8.95 14.50
N HIS A 163 -14.31 9.75 13.45
CA HIS A 163 -14.49 11.20 13.60
C HIS A 163 -15.40 11.72 12.51
N ASP A 164 -16.61 12.13 12.88
CA ASP A 164 -17.53 12.82 11.97
C ASP A 164 -18.00 11.92 10.84
N GLY A 165 -18.36 10.68 11.17
CA GLY A 165 -18.79 9.75 10.14
C GLY A 165 -17.70 9.30 9.19
N TYR A 166 -16.44 9.56 9.52
CA TYR A 166 -15.31 9.00 8.81
C TYR A 166 -14.53 8.10 9.77
N ARG A 167 -13.91 7.05 9.22
N ARG A 167 -13.87 7.08 9.21
CA ARG A 167 -12.82 6.39 9.90
CA ARG A 167 -12.83 6.33 9.90
C ARG A 167 -11.54 7.05 9.46
C ARG A 167 -11.47 6.84 9.43
N VAL A 168 -10.59 7.17 10.39
CA VAL A 168 -9.31 7.81 10.11
C VAL A 168 -8.20 6.85 10.53
N VAL A 169 -7.34 6.47 9.58
CA VAL A 169 -6.14 5.72 9.90
C VAL A 169 -5.15 6.72 10.49
N GLU A 170 -4.68 6.44 11.73
CA GLU A 170 -3.67 7.23 12.38
C GLU A 170 -2.46 6.37 12.72
N ARG A 171 -1.29 7.01 12.70
CA ARG A 171 0.00 6.37 12.92
C ARG A 171 0.82 7.18 13.92
N ARG A 172 1.54 6.49 14.77
CA ARG A 172 2.41 7.12 15.76
C ARG A 172 3.75 6.38 15.82
N PRO A 173 4.76 6.89 15.12
CA PRO A 173 6.11 6.36 15.28
C PRO A 173 6.67 6.80 16.63
N LYS A 174 7.85 6.29 16.95
CA LYS A 174 8.53 6.71 18.17
C LYS A 174 8.90 8.19 18.09
N GLY A 175 8.81 8.89 19.20
CA GLY A 175 9.22 10.27 19.17
C GLY A 175 8.28 11.18 18.39
N SER A 176 6.98 10.95 18.50
CA SER A 176 6.01 11.69 17.70
C SER A 176 4.66 11.57 18.39
N ASP A 177 3.74 12.45 18.01
CA ASP A 177 2.35 12.30 18.38
C ASP A 177 1.62 11.54 17.27
N TRP A 178 0.33 11.29 17.50
CA TRP A 178 -0.53 10.67 16.50
C TRP A 178 -0.64 11.54 15.25
N GLN A 179 -0.53 10.91 14.08
CA GLN A 179 -0.56 11.57 12.78
C GLN A 179 -1.67 10.92 11.95
N PRO A 180 -2.66 11.65 11.45
CA PRO A 180 -3.62 11.05 10.51
C PRO A 180 -2.94 10.74 9.17
N VAL A 181 -3.29 9.58 8.61
CA VAL A 181 -2.78 9.16 7.31
C VAL A 181 -3.81 9.38 6.21
N TYR A 182 -5.00 8.82 6.38
CA TYR A 182 -6.09 9.08 5.44
C TYR A 182 -7.40 8.70 6.11
N ARG A 183 -8.50 9.14 5.49
CA ARG A 183 -9.82 8.91 6.06
C ARG A 183 -10.78 8.39 5.01
N PHE A 184 -11.72 7.58 5.44
CA PHE A 184 -12.61 6.90 4.49
C PHE A 184 -13.93 6.59 5.16
N ARG A 185 -14.93 6.30 4.32
CA ARG A 185 -16.25 5.91 4.79
C ARG A 185 -16.41 4.42 4.55
N PRO A 186 -16.45 3.60 5.59
CA PRO A 186 -16.45 2.14 5.37
C PRO A 186 -17.67 1.65 4.63
N GLU A 187 -18.82 2.29 4.81
CA GLU A 187 -20.04 1.82 4.17
C GLU A 187 -20.03 2.00 2.66
N LEU A 188 -19.09 2.74 2.10
CA LEU A 188 -18.99 2.86 0.67
C LEU A 188 -18.08 1.81 0.04
N ALA A 189 -17.60 0.84 0.81
CA ALA A 189 -16.79 -0.24 0.23
C ALA A 189 -17.64 -1.07 -0.75
N ASP A 190 -16.97 -1.70 -1.70
CA ASP A 190 -17.70 -2.32 -2.81
C ASP A 190 -16.87 -3.48 -3.33
N PRO A 191 -17.37 -4.72 -3.25
CA PRO A 191 -16.61 -5.83 -3.83
C PRO A 191 -16.16 -5.57 -5.26
N SER A 192 -16.97 -4.83 -6.03
CA SER A 192 -16.70 -4.54 -7.45
C SER A 192 -16.28 -3.10 -7.68
N GLY A 193 -15.81 -2.41 -6.64
CA GLY A 193 -15.59 -0.99 -6.74
C GLY A 193 -14.55 -0.59 -7.77
N TRP A 194 -13.62 -1.49 -8.12
CA TRP A 194 -12.57 -1.10 -9.06
C TRP A 194 -13.19 -0.75 -10.41
N ASP A 195 -14.28 -1.45 -10.78
CA ASP A 195 -14.98 -1.15 -12.03
C ASP A 195 -15.62 0.24 -12.04
N ALA A 196 -15.63 0.96 -10.92
CA ALA A 196 -16.29 2.26 -10.85
C ALA A 196 -15.32 3.44 -10.71
N VAL A 197 -14.01 3.19 -10.65
CA VAL A 197 -13.07 4.24 -10.28
C VAL A 197 -12.92 5.26 -11.38
N ARG A 198 -12.90 6.53 -10.99
CA ARG A 198 -12.85 7.66 -11.91
C ARG A 198 -11.44 8.16 -12.14
N GLY A 213 3.72 16.92 -9.59
CA GLY A 213 4.82 16.74 -10.52
C GLY A 213 6.06 16.11 -9.91
N THR A 214 6.00 15.83 -8.61
CA THR A 214 7.14 15.24 -7.92
C THR A 214 7.05 13.72 -7.96
N THR A 215 8.20 13.09 -8.06
CA THR A 215 8.30 11.64 -8.04
C THR A 215 8.24 11.12 -6.61
N PHE A 216 7.41 10.11 -6.40
CA PHE A 216 7.26 9.40 -5.11
C PHE A 216 7.67 7.95 -5.36
N ARG A 217 8.61 7.45 -4.57
CA ARG A 217 9.05 6.05 -4.68
C ARG A 217 9.25 5.49 -3.29
N SER A 218 8.77 4.26 -3.05
CA SER A 218 8.94 3.69 -1.73
C SER A 218 8.81 2.17 -1.73
N ARG A 219 9.31 1.57 -0.67
CA ARG A 219 9.00 0.17 -0.40
C ARG A 219 9.20 -0.15 1.07
N ALA A 220 8.62 -1.27 1.48
CA ALA A 220 8.84 -1.77 2.84
C ALA A 220 10.17 -2.49 2.91
N THR A 221 10.73 -2.54 4.13
CA THR A 221 11.87 -3.35 4.50
C THR A 221 11.35 -4.38 5.51
N ASP A 222 12.28 -5.20 6.02
CA ASP A 222 11.88 -6.21 6.99
C ASP A 222 11.28 -5.60 8.24
N ASN A 223 11.74 -4.41 8.63
CA ASN A 223 11.26 -3.85 9.87
C ASN A 223 10.91 -2.38 9.74
N GLY A 224 10.57 -1.92 8.55
CA GLY A 224 10.16 -0.54 8.35
C GLY A 224 9.85 -0.24 6.91
N LYS A 225 10.25 0.94 6.47
CA LYS A 225 9.90 1.44 5.16
C LYS A 225 10.95 2.47 4.76
N ILE A 226 11.18 2.57 3.46
CA ILE A 226 12.06 3.61 2.92
C ILE A 226 11.30 4.35 1.84
N VAL A 227 11.39 5.68 1.84
CA VAL A 227 10.54 6.53 1.03
C VAL A 227 11.40 7.65 0.43
N LEU A 228 11.22 7.92 -0.85
CA LEU A 228 11.93 9.02 -1.49
C LEU A 228 10.90 9.88 -2.23
N ILE A 229 10.80 11.15 -1.83
N ILE A 229 10.81 11.16 -1.82
CA ILE A 229 9.88 12.10 -2.46
CA ILE A 229 9.91 12.15 -2.41
C ILE A 229 10.73 13.27 -2.91
C ILE A 229 10.79 13.28 -2.92
N GLY A 230 10.90 13.41 -4.23
CA GLY A 230 11.84 14.40 -4.73
C GLY A 230 13.20 14.06 -4.19
N ARG A 231 13.84 15.02 -3.52
CA ARG A 231 15.14 14.79 -2.88
C ARG A 231 15.01 14.30 -1.44
N ARG A 232 13.81 14.28 -0.89
CA ARG A 232 13.66 14.03 0.54
C ARG A 232 13.57 12.52 0.80
N TYR A 233 14.56 12.00 1.51
CA TYR A 233 14.71 10.59 1.82
C TYR A 233 14.27 10.36 3.26
N PHE A 234 13.34 9.43 3.44
CA PHE A 234 12.78 9.09 4.75
C PHE A 234 12.99 7.60 4.99
N THR A 235 13.41 7.24 6.19
CA THR A 235 13.48 5.85 6.57
C THR A 235 12.88 5.67 7.95
N VAL A 236 12.26 4.53 8.16
CA VAL A 236 11.82 4.14 9.51
C VAL A 236 12.26 2.71 9.72
N GLU A 237 12.86 2.45 10.87
CA GLU A 237 13.35 1.11 11.21
C GLU A 237 13.01 0.88 12.67
N ASP A 238 12.24 -0.16 12.94
CA ASP A 238 11.78 -0.46 14.32
C ASP A 238 11.15 0.76 14.97
N GLY A 239 10.43 1.54 14.18
CA GLY A 239 9.71 2.68 14.69
C GLY A 239 10.52 3.95 14.79
N VAL A 240 11.82 3.90 14.50
CA VAL A 240 12.73 5.03 14.60
C VAL A 240 12.89 5.69 13.23
N GLU A 241 12.53 6.96 13.14
CA GLU A 241 12.58 7.67 11.86
C GLU A 241 13.84 8.50 11.71
N ARG A 242 14.31 8.56 10.45
CA ARG A 242 15.40 9.39 10.02
C ARG A 242 15.04 9.98 8.67
N THR A 243 15.39 11.24 8.44
CA THR A 243 15.17 11.86 7.13
C THR A 243 16.38 12.68 6.74
N LYS A 244 16.61 12.78 5.43
CA LYS A 244 17.71 13.61 4.95
C LYS A 244 17.31 14.12 3.58
N VAL A 245 17.59 15.40 3.33
CA VAL A 245 17.44 15.90 1.96
C VAL A 245 18.71 15.54 1.21
N LEU A 246 18.58 14.75 0.17
CA LEU A 246 19.73 14.26 -0.54
C LEU A 246 20.30 15.34 -1.44
N VAL A 247 21.62 15.46 -1.40
CA VAL A 247 22.31 16.46 -2.21
C VAL A 247 23.00 15.80 -3.40
N LYS A 248 23.88 14.84 -3.13
CA LYS A 248 24.76 14.31 -4.18
C LYS A 248 24.04 13.38 -5.16
N ALA A 249 24.41 13.49 -6.45
CA ALA A 249 23.80 12.67 -7.47
C ALA A 249 24.02 11.19 -7.22
N ASP A 250 25.21 10.80 -6.72
CA ASP A 250 25.48 9.37 -6.53
C ASP A 250 24.67 8.82 -5.37
N GLU A 251 24.50 9.60 -4.30
CA GLU A 251 23.64 9.15 -3.20
C GLU A 251 22.19 9.04 -3.64
N PHE A 252 21.71 10.01 -4.43
CA PHE A 252 20.36 9.97 -4.98
C PHE A 252 20.15 8.69 -5.81
N GLN A 253 21.09 8.41 -6.70
CA GLN A 253 21.02 7.22 -7.55
C GLN A 253 21.00 5.96 -6.69
N ASP A 254 21.86 5.90 -5.68
CA ASP A 254 21.92 4.74 -4.80
C ASP A 254 20.60 4.50 -4.06
N VAL A 255 19.95 5.56 -3.62
CA VAL A 255 18.67 5.39 -2.92
C VAL A 255 17.58 4.93 -3.87
N VAL A 256 17.55 5.50 -5.09
CA VAL A 256 16.57 5.06 -6.08
C VAL A 256 16.76 3.57 -6.34
N ASP A 257 18.02 3.14 -6.54
CA ASP A 257 18.28 1.73 -6.83
C ASP A 257 17.87 0.82 -5.66
N LEU A 258 18.17 1.25 -4.44
CA LEU A 258 17.79 0.52 -3.24
C LEU A 258 16.28 0.33 -3.15
N ILE A 259 15.51 1.38 -3.43
CA ILE A 259 14.05 1.25 -3.38
C ILE A 259 13.55 0.33 -4.50
N LEU A 260 14.01 0.58 -5.73
CA LEU A 260 13.41 -0.09 -6.87
C LEU A 260 13.87 -1.52 -7.02
N ALA A 261 14.97 -1.90 -6.38
CA ALA A 261 15.43 -3.30 -6.43
C ALA A 261 14.48 -4.24 -5.70
N GLY A 262 13.68 -3.73 -4.79
CA GLY A 262 12.80 -4.58 -4.01
C GLY A 262 13.58 -5.40 -2.98
N ALA A 263 12.82 -6.18 -2.23
CA ALA A 263 13.33 -6.98 -1.11
C ALA A 263 12.38 -8.18 -0.93
#